data_9JNE
#
_entry.id   9JNE
#
_cell.length_a   71.743
_cell.length_b   51.768
_cell.length_c   75.004
_cell.angle_alpha   90
_cell.angle_beta   114.216
_cell.angle_gamma   90
#
_symmetry.space_group_name_H-M   'P 1 21 1'
#
loop_
_entity.id
_entity.type
_entity.pdbx_description
1 polymer beta-lactamase
2 non-polymer '(2S,3R,4S)-2-[(2S,3R)-3-hydroxy-1-oxobutan-2-yl]-3-methyl-4-({(3S,5S)-5-[(sulfamoylamino)methyl]pyrrolidin-3-yl}sulfanyl)-3,4-dihydro-2H-pyrrole-5-carboxylic acid'
3 non-polymer DI(HYDROXYETHYL)ETHER
4 non-polymer 'TETRAETHYLENE GLYCOL'
5 water water
#
_entity_poly.entity_id   1
_entity_poly.type   'polypeptide(L)'
_entity_poly.pdbx_seq_one_letter_code
;MGNKSDAAAKQIKKLEEDFDGRIGVFAIDTGSGNTFGYRSDERFPLCSSFKGFLAAAVLERVQQKKLDINQKVKYESRDL
EYHSPITTKYKGSGMTLGDMASAALQYSDNGATNIIMERFLGGPEGMTKFMRSIGDNEFRLDRWALELNTAIPGDKRDTS
TPKAVANSLNKLALGNVLNAKVKAIYQNWLKGNTTGDARIRASVPADWVVGDKTGSCGAYGTANDYAVIWPKNRAPLIVS
IYTTRKSKDDKHSDKTIAEASRIAIQAIDHHHHHH
;
_entity_poly.pdbx_strand_id   A,B
#
loop_
_chem_comp.id
_chem_comp.type
_chem_comp.name
_chem_comp.formula
DRW non-polymer '(2S,3R,4S)-2-[(2S,3R)-3-hydroxy-1-oxobutan-2-yl]-3-methyl-4-({(3S,5S)-5-[(sulfamoylamino)methyl]pyrrolidin-3-yl}sulfanyl)-3,4-dihydro-2H-pyrrole-5-carboxylic acid' 'C15 H26 N4 O6 S2'
PEG non-polymer DI(HYDROXYETHYL)ETHER 'C4 H10 O3'
PG4 non-polymer 'TETRAETHYLENE GLYCOL' 'C8 H18 O5'
#
# COMPACT_ATOMS: atom_id res chain seq x y z
N ASN A 3 -19.66 -16.59 -4.58
CA ASN A 3 -21.13 -16.33 -4.71
C ASN A 3 -21.72 -15.75 -3.41
N LYS A 4 -21.56 -16.47 -2.27
CA LYS A 4 -21.85 -15.86 -0.97
C LYS A 4 -20.82 -14.74 -0.77
N SER A 5 -19.67 -14.97 -1.36
CA SER A 5 -18.57 -14.04 -1.24
C SER A 5 -18.82 -12.78 -2.09
N ASP A 6 -19.25 -12.97 -3.34
CA ASP A 6 -19.39 -11.89 -4.30
C ASP A 6 -20.51 -10.94 -3.88
N ALA A 7 -21.52 -11.44 -3.15
CA ALA A 7 -22.58 -10.53 -2.77
C ALA A 7 -22.15 -9.65 -1.59
N ALA A 8 -21.33 -10.23 -0.66
CA ALA A 8 -20.81 -9.45 0.42
C ALA A 8 -19.88 -8.39 -0.16
N ALA A 9 -19.05 -8.75 -1.14
CA ALA A 9 -18.12 -7.82 -1.79
C ALA A 9 -18.87 -6.67 -2.42
N LYS A 10 -19.96 -6.94 -3.15
CA LYS A 10 -20.83 -5.91 -3.67
C LYS A 10 -21.28 -4.95 -2.56
N GLN A 11 -21.66 -5.50 -1.43
CA GLN A 11 -22.28 -4.65 -0.45
C GLN A 11 -21.21 -3.74 0.17
N ILE A 12 -20.01 -4.28 0.37
CA ILE A 12 -18.93 -3.56 1.00
C ILE A 12 -18.53 -2.42 0.06
N LYS A 13 -18.49 -2.72 -1.25
CA LYS A 13 -18.06 -1.78 -2.27
C LYS A 13 -19.03 -0.58 -2.26
N LYS A 14 -20.32 -0.89 -2.12
CA LYS A 14 -21.35 0.12 -2.09
C LYS A 14 -21.05 0.99 -0.90
N LEU A 15 -20.70 0.32 0.20
CA LEU A 15 -20.59 0.97 1.50
C LEU A 15 -19.44 1.95 1.47
N GLU A 16 -18.36 1.58 0.77
CA GLU A 16 -17.15 2.39 0.77
C GLU A 16 -17.35 3.60 -0.15
N GLU A 17 -18.14 3.43 -1.22
CA GLU A 17 -18.53 4.52 -2.13
C GLU A 17 -19.47 5.51 -1.44
N ASP A 18 -20.40 4.94 -0.69
CA ASP A 18 -21.36 5.72 0.08
C ASP A 18 -20.68 6.77 0.95
N PHE A 19 -19.62 6.40 1.70
CA PHE A 19 -18.95 7.38 2.55
C PHE A 19 -17.66 7.86 1.87
N ASP A 20 -17.43 7.49 0.60
CA ASP A 20 -16.34 8.08 -0.16
C ASP A 20 -15.00 7.77 0.53
N GLY A 21 -14.75 6.48 0.80
CA GLY A 21 -13.44 6.05 1.26
C GLY A 21 -13.13 4.61 0.88
N ARG A 22 -12.47 3.94 1.83
CA ARG A 22 -11.91 2.63 1.51
C ARG A 22 -12.10 1.72 2.72
N ILE A 23 -12.60 0.51 2.48
CA ILE A 23 -12.88 -0.46 3.55
C ILE A 23 -12.04 -1.74 3.36
N GLY A 24 -11.43 -2.21 4.46
CA GLY A 24 -10.73 -3.46 4.50
C GLY A 24 -11.35 -4.38 5.52
N VAL A 25 -11.70 -5.60 5.06
CA VAL A 25 -12.36 -6.51 5.96
C VAL A 25 -11.69 -7.88 5.89
N PHE A 26 -11.64 -8.55 7.04
CA PHE A 26 -11.24 -9.94 7.05
C PHE A 26 -11.94 -10.66 8.21
N ALA A 27 -12.69 -11.71 7.90
CA ALA A 27 -13.47 -12.42 8.89
C ALA A 27 -13.20 -13.91 8.73
N ILE A 28 -13.05 -14.56 9.89
CA ILE A 28 -12.79 -15.98 10.00
C ILE A 28 -13.86 -16.62 10.86
N ASP A 29 -14.43 -17.74 10.39
CA ASP A 29 -15.12 -18.64 11.28
C ASP A 29 -14.18 -19.77 11.68
N THR A 30 -13.73 -19.77 12.94
CA THR A 30 -12.65 -20.60 13.46
C THR A 30 -13.19 -22.00 13.68
N GLY A 31 -14.50 -22.18 13.56
CA GLY A 31 -15.06 -23.53 13.67
C GLY A 31 -14.88 -24.30 12.36
N SER A 32 -15.40 -23.70 11.31
CA SER A 32 -15.44 -24.22 9.96
C SER A 32 -14.23 -23.83 9.09
N GLY A 33 -13.47 -22.78 9.41
CA GLY A 33 -12.39 -22.39 8.49
C GLY A 33 -12.76 -21.36 7.42
N ASN A 34 -14.04 -21.14 7.15
CA ASN A 34 -14.49 -20.19 6.15
C ASN A 34 -13.96 -18.78 6.40
N THR A 35 -13.52 -18.12 5.32
CA THR A 35 -13.05 -16.75 5.44
C THR A 35 -13.87 -15.86 4.52
N PHE A 36 -13.79 -14.55 4.74
CA PHE A 36 -14.20 -13.57 3.75
C PHE A 36 -13.26 -12.37 3.88
N GLY A 37 -12.89 -11.81 2.73
CA GLY A 37 -12.02 -10.66 2.73
C GLY A 37 -12.50 -9.70 1.66
N TYR A 38 -12.21 -8.47 1.90
CA TYR A 38 -12.35 -7.46 0.88
C TYR A 38 -11.29 -6.46 1.17
N ARG A 39 -10.47 -6.23 0.15
CA ARG A 39 -9.22 -5.50 0.24
C ARG A 39 -8.42 -5.99 1.43
N SER A 40 -8.50 -7.27 1.72
CA SER A 40 -7.93 -7.83 2.93
C SER A 40 -6.41 -7.96 2.90
N ASP A 41 -5.76 -7.60 1.78
CA ASP A 41 -4.29 -7.63 1.61
C ASP A 41 -3.78 -6.22 1.36
N GLU A 42 -4.66 -5.23 1.51
CA GLU A 42 -4.17 -3.87 1.32
C GLU A 42 -3.81 -3.31 2.68
N ARG A 43 -2.99 -2.29 2.67
CA ARG A 43 -2.42 -1.78 3.91
C ARG A 43 -3.29 -0.66 4.42
N PHE A 44 -3.41 -0.59 5.75
CA PHE A 44 -4.29 0.38 6.40
C PHE A 44 -3.55 0.88 7.63
N PRO A 45 -3.65 2.21 8.01
CA PRO A 45 -3.04 2.69 9.25
C PRO A 45 -3.58 1.90 10.44
N LEU A 46 -2.68 1.55 11.38
CA LEU A 46 -3.00 0.83 12.58
C LEU A 46 -3.73 1.70 13.62
N CYS A 47 -3.43 3.02 13.69
CA CYS A 47 -3.81 3.90 14.79
C CYS A 47 -3.52 3.19 16.10
N SER A 48 -4.37 3.35 17.08
CA SER A 48 -4.20 2.69 18.36
C SER A 48 -4.31 1.15 18.27
N SER A 49 -4.76 0.60 17.17
CA SER A 49 -5.23 -0.77 17.26
C SER A 49 -4.10 -1.72 17.66
N PHE A 50 -2.85 -1.28 17.47
CA PHE A 50 -1.74 -2.19 17.73
C PHE A 50 -1.54 -2.42 19.22
N LYS A 51 -2.19 -1.58 20.06
CA LYS A 51 -2.12 -1.68 21.52
C LYS A 51 -2.59 -3.07 21.99
N GLY A 52 -3.49 -3.66 21.16
CA GLY A 52 -4.02 -4.97 21.46
C GLY A 52 -2.93 -6.03 21.38
N PHE A 53 -1.99 -5.80 20.46
CA PHE A 53 -0.91 -6.78 20.31
C PHE A 53 0.18 -6.54 21.35
N LEU A 54 0.29 -5.28 21.79
CA LEU A 54 1.26 -4.85 22.77
C LEU A 54 0.95 -5.55 24.09
N ALA A 55 -0.33 -5.67 24.38
CA ALA A 55 -0.67 -6.29 25.63
C ALA A 55 -0.36 -7.78 25.58
N ALA A 56 -0.49 -8.37 24.41
CA ALA A 56 -0.20 -9.79 24.25
C ALA A 56 1.31 -9.99 24.27
N ALA A 57 2.09 -9.06 23.67
CA ALA A 57 3.55 -9.11 23.74
C ALA A 57 3.97 -9.14 25.21
N VAL A 58 3.38 -8.25 26.03
CA VAL A 58 3.69 -8.18 27.44
C VAL A 58 3.35 -9.50 28.15
N LEU A 59 2.22 -10.09 27.81
CA LEU A 59 1.84 -11.33 28.48
C LEU A 59 2.73 -12.46 28.00
N GLU A 60 3.30 -12.34 26.80
CA GLU A 60 4.23 -13.38 26.41
C GLU A 60 5.44 -13.35 27.33
N ARG A 61 5.96 -12.16 27.57
CA ARG A 61 7.08 -11.94 28.49
C ARG A 61 6.75 -12.40 29.91
N VAL A 62 5.50 -12.19 30.37
CA VAL A 62 5.06 -12.68 31.67
C VAL A 62 5.17 -14.20 31.76
N GLN A 63 4.51 -14.89 30.79
CA GLN A 63 4.50 -16.34 30.59
C GLN A 63 5.90 -16.93 30.53
N GLN A 64 6.86 -16.28 29.89
CA GLN A 64 8.23 -16.77 29.92
C GLN A 64 9.02 -16.29 31.17
N LYS A 65 8.33 -15.58 32.10
CA LYS A 65 8.91 -15.19 33.38
C LYS A 65 10.07 -14.19 33.20
N LYS A 66 10.07 -13.44 32.09
CA LYS A 66 11.06 -12.37 31.88
C LYS A 66 10.53 -11.07 32.47
N LEU A 67 9.23 -11.08 32.88
CA LEU A 67 8.54 -10.01 33.59
C LEU A 67 7.52 -10.63 34.56
N ASP A 68 7.23 -9.93 35.64
CA ASP A 68 6.22 -10.33 36.57
C ASP A 68 4.99 -9.42 36.35
N ILE A 69 3.79 -10.00 36.31
CA ILE A 69 2.59 -9.25 36.03
C ILE A 69 2.25 -8.27 37.17
N ASN A 70 2.82 -8.46 38.36
CA ASN A 70 2.48 -7.58 39.49
C ASN A 70 3.63 -6.61 39.84
N GLN A 71 4.75 -6.64 39.11
CA GLN A 71 5.82 -5.70 39.38
C GLN A 71 5.28 -4.29 39.13
N LYS A 72 5.68 -3.36 40.03
CA LYS A 72 5.30 -1.95 39.99
C LYS A 72 6.10 -1.29 38.87
N VAL A 73 5.42 -0.40 38.13
CA VAL A 73 6.08 0.43 37.14
C VAL A 73 5.82 1.87 37.56
N LYS A 74 6.91 2.60 37.91
CA LYS A 74 6.90 3.95 38.46
C LYS A 74 7.22 4.93 37.33
N TYR A 75 6.48 6.06 37.26
CA TYR A 75 6.63 7.02 36.18
C TYR A 75 6.28 8.41 36.71
N GLU A 76 6.68 8.64 37.98
CA GLU A 76 6.31 9.79 38.81
C GLU A 76 6.77 11.10 38.16
N SER A 77 7.85 11.06 37.34
CA SER A 77 8.46 12.26 36.78
C SER A 77 8.03 12.55 35.32
N ARG A 78 7.25 11.67 34.70
CA ARG A 78 7.08 11.71 33.27
C ARG A 78 5.97 12.68 32.95
N ASP A 79 6.10 13.42 31.84
CA ASP A 79 5.01 14.16 31.27
C ASP A 79 4.13 13.21 30.46
N LEU A 80 3.03 12.76 31.03
CA LEU A 80 2.11 11.87 30.35
C LEU A 80 1.59 12.49 29.05
N GLU A 81 1.53 11.65 28.03
CA GLU A 81 1.00 11.93 26.71
C GLU A 81 -0.48 12.26 26.83
N TYR A 82 -0.95 13.12 25.92
CA TYR A 82 -2.37 13.27 25.81
C TYR A 82 -3.02 11.88 25.69
N HIS A 83 -4.20 11.78 26.26
CA HIS A 83 -5.06 10.63 26.17
C HIS A 83 -4.38 9.51 26.92
N SER A 84 -4.09 9.82 28.18
CA SER A 84 -3.67 8.83 29.14
C SER A 84 -4.65 8.87 30.30
N PRO A 85 -5.94 8.53 30.10
CA PRO A 85 -6.93 8.78 31.14
C PRO A 85 -6.62 7.96 32.40
N ILE A 86 -6.03 6.75 32.21
CA ILE A 86 -5.73 5.79 33.27
C ILE A 86 -4.39 6.06 33.97
N THR A 87 -3.32 6.27 33.17
CA THR A 87 -2.04 6.44 33.82
C THR A 87 -2.04 7.77 34.57
N THR A 88 -2.76 8.80 34.09
CA THR A 88 -2.74 10.07 34.81
C THR A 88 -3.26 9.84 36.24
N LYS A 89 -4.26 8.97 36.40
CA LYS A 89 -4.83 8.88 37.73
C LYS A 89 -3.95 8.12 38.72
N TYR A 90 -2.94 7.36 38.24
CA TYR A 90 -2.10 6.51 39.09
C TYR A 90 -0.68 7.04 39.16
N LYS A 91 -0.48 8.26 38.69
CA LYS A 91 0.86 8.82 38.49
C LYS A 91 1.72 8.69 39.76
N GLY A 92 1.13 9.00 40.95
CA GLY A 92 1.84 9.05 42.21
C GLY A 92 2.20 7.64 42.69
N SER A 93 1.32 6.66 42.45
CA SER A 93 1.50 5.36 43.12
C SER A 93 2.20 4.34 42.21
N GLY A 94 2.40 4.67 40.93
CA GLY A 94 2.72 3.63 39.94
C GLY A 94 1.52 2.71 39.68
N MET A 95 1.69 1.75 38.78
CA MET A 95 0.67 0.75 38.42
C MET A 95 1.36 -0.59 38.27
N THR A 96 0.62 -1.71 38.42
CA THR A 96 1.20 -3.01 38.10
C THR A 96 1.40 -3.13 36.59
N LEU A 97 2.39 -3.90 36.18
CA LEU A 97 2.62 -4.11 34.77
C LEU A 97 1.34 -4.53 34.10
N GLY A 98 0.56 -5.40 34.76
CA GLY A 98 -0.63 -5.96 34.13
C GLY A 98 -1.75 -4.93 34.00
N ASP A 99 -1.98 -4.13 35.05
CA ASP A 99 -2.93 -3.05 34.94
C ASP A 99 -2.47 -2.07 33.84
N MET A 100 -1.17 -1.87 33.69
CA MET A 100 -0.73 -0.86 32.76
C MET A 100 -0.99 -1.36 31.34
N ALA A 101 -0.63 -2.61 31.09
CA ALA A 101 -0.84 -3.21 29.80
C ALA A 101 -2.32 -3.17 29.42
N SER A 102 -3.20 -3.60 30.33
CA SER A 102 -4.62 -3.63 30.02
C SER A 102 -5.21 -2.22 29.88
N ALA A 103 -4.63 -1.24 30.58
CA ALA A 103 -5.01 0.13 30.38
C ALA A 103 -4.70 0.51 28.95
N ALA A 104 -3.50 0.15 28.50
CA ALA A 104 -3.15 0.41 27.13
C ALA A 104 -4.26 -0.10 26.22
N LEU A 105 -4.77 -1.30 26.53
CA LEU A 105 -5.69 -1.95 25.62
C LEU A 105 -7.09 -1.41 25.84
N GLN A 106 -7.50 -1.25 27.10
CA GLN A 106 -8.92 -1.10 27.37
C GLN A 106 -9.35 0.35 27.26
N TYR A 107 -8.42 1.29 27.40
CA TYR A 107 -8.75 2.71 27.33
C TYR A 107 -7.86 3.37 26.31
N SER A 108 -7.06 2.56 25.64
CA SER A 108 -6.12 3.03 24.63
C SER A 108 -5.18 4.12 25.19
N ASP A 109 -4.72 3.94 26.43
CA ASP A 109 -3.91 4.91 27.15
C ASP A 109 -2.51 5.04 26.53
N ASN A 110 -2.15 6.27 26.12
CA ASN A 110 -0.96 6.49 25.33
C ASN A 110 0.28 6.41 26.22
N GLY A 111 0.15 6.90 27.48
CA GLY A 111 1.23 6.84 28.46
C GLY A 111 1.60 5.39 28.78
N ALA A 112 0.55 4.54 29.02
CA ALA A 112 0.70 3.10 29.23
C ALA A 112 1.45 2.51 28.05
N THR A 113 1.00 2.89 26.84
CA THR A 113 1.58 2.38 25.63
C THR A 113 3.09 2.70 25.59
N ASN A 114 3.47 3.97 25.78
CA ASN A 114 4.82 4.42 25.46
C ASN A 114 5.84 3.88 26.46
N ILE A 115 5.37 3.80 27.69
CA ILE A 115 6.16 3.32 28.80
C ILE A 115 6.49 1.85 28.57
N ILE A 116 5.46 1.06 28.21
CA ILE A 116 5.70 -0.36 28.07
C ILE A 116 6.74 -0.59 26.96
N MET A 117 6.56 0.13 25.82
CA MET A 117 7.41 -0.03 24.64
C MET A 117 8.83 0.45 24.94
N GLU A 118 8.99 1.50 25.76
CA GLU A 118 10.32 1.96 26.09
C GLU A 118 11.07 1.05 27.06
N ARG A 119 10.35 0.40 27.98
CA ARG A 119 11.01 -0.24 29.10
C ARG A 119 11.13 -1.74 28.90
N PHE A 120 10.09 -2.35 28.31
CA PHE A 120 9.95 -3.79 28.30
C PHE A 120 9.97 -4.41 26.88
N LEU A 121 9.77 -3.62 25.81
CA LEU A 121 9.41 -4.16 24.50
C LEU A 121 10.43 -3.85 23.40
N GLY A 122 11.48 -3.05 23.63
CA GLY A 122 12.37 -2.63 22.55
C GLY A 122 11.70 -1.68 21.53
N GLY A 123 10.74 -0.85 21.99
CA GLY A 123 10.17 0.23 21.20
C GLY A 123 9.44 -0.28 19.94
N PRO A 124 9.18 0.61 18.96
CA PRO A 124 8.54 0.20 17.73
C PRO A 124 9.15 -0.99 16.99
N GLU A 125 10.49 -0.98 16.83
CA GLU A 125 11.20 -2.11 16.25
C GLU A 125 10.88 -3.42 16.98
N GLY A 126 10.82 -3.40 18.33
CA GLY A 126 10.61 -4.60 19.12
C GLY A 126 9.14 -5.06 19.10
N MET A 127 8.19 -4.14 18.92
CA MET A 127 6.82 -4.57 18.69
C MET A 127 6.70 -5.31 17.34
N THR A 128 7.27 -4.72 16.28
CA THR A 128 7.38 -5.37 14.98
C THR A 128 8.09 -6.74 15.13
N LYS A 129 9.08 -6.86 16.04
CA LYS A 129 9.80 -8.11 16.21
C LYS A 129 8.86 -9.15 16.86
N PHE A 130 8.04 -8.71 17.78
CA PHE A 130 7.13 -9.64 18.40
C PHE A 130 6.18 -10.20 17.35
N MET A 131 5.79 -9.38 16.36
CA MET A 131 4.80 -9.83 15.40
C MET A 131 5.46 -10.77 14.37
N ARG A 132 6.73 -10.56 14.01
CA ARG A 132 7.36 -11.50 13.11
C ARG A 132 7.40 -12.90 13.77
N SER A 133 7.58 -12.91 15.07
CA SER A 133 7.82 -14.10 15.86
C SER A 133 6.54 -14.94 15.95
N ILE A 134 5.38 -14.37 15.68
CA ILE A 134 4.17 -15.17 15.64
C ILE A 134 3.85 -15.46 14.18
N GLY A 135 4.65 -14.86 13.29
CA GLY A 135 4.49 -15.11 11.87
C GLY A 135 3.57 -14.12 11.18
N ASP A 136 3.33 -12.93 11.77
CA ASP A 136 2.82 -11.79 11.03
C ASP A 136 3.98 -11.05 10.32
N ASN A 137 3.96 -11.03 8.99
CA ASN A 137 5.00 -10.37 8.20
C ASN A 137 4.56 -9.02 7.60
N GLU A 138 3.31 -8.65 7.78
CA GLU A 138 2.83 -7.44 7.14
C GLU A 138 2.87 -6.29 8.15
N PHE A 139 2.73 -6.62 9.45
CA PHE A 139 2.63 -5.67 10.53
C PHE A 139 3.89 -4.81 10.61
N ARG A 140 3.73 -3.49 10.68
CA ARG A 140 4.94 -2.73 10.93
C ARG A 140 4.59 -1.61 11.93
N LEU A 141 5.47 -1.39 12.88
CA LEU A 141 5.33 -0.19 13.69
C LEU A 141 6.61 0.63 13.59
N ASP A 142 6.52 1.95 13.48
CA ASP A 142 7.70 2.78 13.21
C ASP A 142 7.82 3.89 14.23
N ARG A 143 6.69 4.48 14.60
CA ARG A 143 6.66 5.66 15.44
C ARG A 143 6.03 5.30 16.80
N TRP A 144 6.01 6.28 17.72
CA TRP A 144 5.52 6.08 19.07
C TRP A 144 4.06 6.49 19.12
N ALA A 145 3.41 6.30 20.29
CA ALA A 145 1.96 6.32 20.42
C ALA A 145 1.30 7.50 19.70
N LEU A 146 1.85 8.71 19.84
CA LEU A 146 1.14 9.88 19.42
C LEU A 146 1.59 10.33 18.06
N GLU A 147 2.67 9.76 17.52
CA GLU A 147 3.14 10.20 16.21
C GLU A 147 2.65 9.24 15.12
N LEU A 148 2.06 8.11 15.51
CA LEU A 148 1.78 7.08 14.52
C LEU A 148 0.39 7.26 13.88
N ASN A 149 -0.26 8.41 14.08
CA ASN A 149 -1.65 8.61 13.67
C ASN A 149 -1.85 9.45 12.40
N THR A 150 -0.83 9.64 11.56
CA THR A 150 -1.03 10.64 10.51
C THR A 150 -1.87 10.11 9.35
N ALA A 151 -1.95 8.79 9.19
CA ALA A 151 -2.83 8.17 8.21
C ALA A 151 -2.75 8.78 6.78
N ILE A 152 -1.60 9.34 6.37
CA ILE A 152 -1.40 9.97 5.08
C ILE A 152 -1.48 8.92 3.98
N PRO A 153 -2.30 9.10 2.91
CA PRO A 153 -2.53 7.98 1.99
C PRO A 153 -1.22 7.63 1.27
N GLY A 154 -0.89 6.33 1.24
CA GLY A 154 0.34 5.92 0.59
C GLY A 154 1.54 5.75 1.52
N ASP A 155 1.54 6.31 2.74
CA ASP A 155 2.63 6.15 3.70
C ASP A 155 2.47 4.78 4.40
N LYS A 156 3.55 4.01 4.50
CA LYS A 156 3.38 2.63 4.93
C LYS A 156 3.74 2.50 6.38
N ARG A 157 4.23 3.59 6.95
CA ARG A 157 4.58 3.59 8.36
C ARG A 157 3.37 3.19 9.20
N ASP A 158 3.57 2.26 10.14
CA ASP A 158 2.51 2.05 11.10
C ASP A 158 1.25 1.45 10.46
N THR A 159 1.44 0.44 9.60
CA THR A 159 0.36 -0.18 8.83
C THR A 159 0.41 -1.70 8.98
N SER A 160 -0.73 -2.33 8.69
CA SER A 160 -0.85 -3.75 8.51
C SER A 160 -1.95 -3.93 7.48
N THR A 161 -2.43 -5.18 7.30
CA THR A 161 -3.52 -5.49 6.41
C THR A 161 -4.62 -6.10 7.24
N PRO A 162 -5.91 -5.97 6.88
CA PRO A 162 -6.98 -6.68 7.57
C PRO A 162 -6.78 -8.18 7.89
N LYS A 163 -6.40 -8.95 6.86
CA LYS A 163 -6.03 -10.36 6.94
C LYS A 163 -4.97 -10.57 8.03
N ALA A 164 -3.91 -9.78 7.97
CA ALA A 164 -2.78 -10.08 8.82
C ALA A 164 -3.17 -9.84 10.27
N VAL A 165 -4.03 -8.83 10.45
CA VAL A 165 -4.48 -8.52 11.80
C VAL A 165 -5.33 -9.68 12.29
N ALA A 166 -6.24 -10.16 11.44
CA ALA A 166 -7.17 -11.20 11.85
C ALA A 166 -6.38 -12.43 12.27
N ASN A 167 -5.42 -12.83 11.40
CA ASN A 167 -4.60 -14.03 11.62
C ASN A 167 -3.85 -13.87 12.94
N SER A 168 -3.32 -12.68 13.17
CA SER A 168 -2.58 -12.51 14.41
C SER A 168 -3.52 -12.74 15.62
N LEU A 169 -4.72 -12.13 15.54
CA LEU A 169 -5.61 -12.10 16.69
C LEU A 169 -6.07 -13.54 16.93
N ASN A 170 -6.33 -14.26 15.83
CA ASN A 170 -6.64 -15.67 15.94
C ASN A 170 -5.51 -16.44 16.62
N LYS A 171 -4.24 -16.23 16.19
CA LYS A 171 -3.16 -16.92 16.88
C LYS A 171 -3.12 -16.53 18.35
N LEU A 172 -3.33 -15.25 18.71
CA LEU A 172 -3.12 -14.77 20.07
C LEU A 172 -4.31 -15.07 20.99
N ALA A 173 -5.53 -14.88 20.51
CA ALA A 173 -6.75 -15.09 21.30
C ALA A 173 -7.16 -16.56 21.40
N LEU A 174 -6.94 -17.31 20.30
CA LEU A 174 -7.51 -18.63 20.16
C LEU A 174 -6.40 -19.66 19.95
N GLY A 175 -5.18 -19.20 19.66
CA GLY A 175 -4.15 -20.10 19.24
C GLY A 175 -3.21 -20.47 20.39
N ASN A 176 -1.90 -20.56 20.10
CA ASN A 176 -0.97 -21.30 20.94
C ASN A 176 0.30 -20.56 21.36
N VAL A 177 0.35 -19.25 21.12
CA VAL A 177 1.43 -18.45 21.67
C VAL A 177 1.30 -18.34 23.19
N LEU A 178 0.04 -18.21 23.70
CA LEU A 178 -0.21 -18.07 25.13
C LEU A 178 -0.79 -19.39 25.66
N ASN A 179 -0.36 -19.85 26.84
CA ASN A 179 -0.89 -21.06 27.44
C ASN A 179 -2.30 -20.73 27.93
N ALA A 180 -3.06 -21.78 28.31
CA ALA A 180 -4.40 -21.70 28.89
C ALA A 180 -4.60 -20.47 29.78
N LYS A 181 -3.72 -20.34 30.78
CA LYS A 181 -3.95 -19.42 31.89
C LYS A 181 -3.83 -17.99 31.34
N VAL A 182 -2.71 -17.74 30.64
CA VAL A 182 -2.37 -16.40 30.17
C VAL A 182 -3.30 -16.00 29.04
N LYS A 183 -3.72 -16.98 28.24
CA LYS A 183 -4.69 -16.72 27.18
C LYS A 183 -5.99 -16.20 27.80
N ALA A 184 -6.42 -16.75 28.94
CA ALA A 184 -7.70 -16.35 29.52
C ALA A 184 -7.59 -14.91 30.07
N ILE A 185 -6.42 -14.56 30.60
CA ILE A 185 -6.19 -13.18 30.99
C ILE A 185 -6.37 -12.27 29.78
N TYR A 186 -5.75 -12.65 28.66
CA TYR A 186 -5.71 -11.84 27.46
C TYR A 186 -7.12 -11.61 26.90
N GLN A 187 -7.94 -12.66 26.88
CA GLN A 187 -9.35 -12.63 26.46
C GLN A 187 -10.12 -11.71 27.41
N ASN A 188 -9.84 -11.80 28.70
CA ASN A 188 -10.69 -11.06 29.60
C ASN A 188 -10.37 -9.60 29.37
N TRP A 189 -9.09 -9.31 29.08
CA TRP A 189 -8.67 -7.96 28.70
C TRP A 189 -9.43 -7.44 27.49
N LEU A 190 -9.46 -8.24 26.40
CA LEU A 190 -10.18 -7.84 25.20
C LEU A 190 -11.67 -7.64 25.48
N LYS A 191 -12.31 -8.59 26.19
CA LYS A 191 -13.72 -8.47 26.55
C LYS A 191 -14.03 -7.16 27.29
N GLY A 192 -13.12 -6.68 28.14
CA GLY A 192 -13.36 -5.45 28.87
C GLY A 192 -12.98 -4.16 28.12
N ASN A 193 -12.64 -4.21 26.84
CA ASN A 193 -12.32 -2.98 26.11
C ASN A 193 -13.49 -1.99 26.17
N THR A 194 -13.24 -0.69 26.32
CA THR A 194 -14.33 0.24 26.62
C THR A 194 -14.67 1.14 25.45
N THR A 195 -13.97 0.97 24.31
CA THR A 195 -13.96 2.06 23.33
C THR A 195 -14.71 1.66 22.07
N GLY A 196 -15.40 0.53 22.08
CA GLY A 196 -15.86 -0.09 20.85
C GLY A 196 -17.35 -0.43 20.86
N ASP A 197 -18.08 0.18 21.77
CA ASP A 197 -19.54 0.04 21.88
C ASP A 197 -20.26 0.28 20.54
N ALA A 198 -19.83 1.29 19.77
CA ALA A 198 -20.47 1.68 18.50
C ALA A 198 -19.94 0.89 17.28
N ARG A 199 -18.97 -0.06 17.47
CA ARG A 199 -18.25 -0.62 16.31
C ARG A 199 -18.60 -2.08 16.12
N ILE A 200 -17.64 -3.01 16.30
CA ILE A 200 -17.98 -4.39 16.05
C ILE A 200 -19.05 -4.83 17.05
N ARG A 201 -18.86 -4.44 18.31
CA ARG A 201 -19.89 -4.70 19.31
C ARG A 201 -21.29 -4.36 18.80
N ALA A 202 -21.44 -3.27 18.01
CA ALA A 202 -22.78 -2.83 17.59
C ALA A 202 -23.37 -3.75 16.51
N SER A 203 -22.56 -4.58 15.87
CA SER A 203 -22.99 -5.39 14.74
C SER A 203 -23.47 -6.80 15.12
N VAL A 204 -23.51 -7.14 16.42
CA VAL A 204 -23.85 -8.50 16.79
C VAL A 204 -24.94 -8.43 17.83
N PRO A 205 -25.73 -9.51 17.99
CA PRO A 205 -26.66 -9.58 19.13
C PRO A 205 -26.09 -9.27 20.51
N ALA A 206 -26.98 -8.89 21.41
CA ALA A 206 -26.68 -8.41 22.74
C ALA A 206 -26.03 -9.50 23.62
N ASP A 207 -26.50 -10.76 23.52
CA ASP A 207 -26.01 -11.82 24.42
C ASP A 207 -24.68 -12.46 23.97
N TRP A 208 -24.21 -12.20 22.73
CA TRP A 208 -22.91 -12.73 22.30
C TRP A 208 -21.78 -12.02 23.03
N VAL A 209 -20.77 -12.77 23.52
CA VAL A 209 -19.61 -12.13 24.16
C VAL A 209 -18.70 -11.64 23.04
N VAL A 210 -18.09 -10.46 23.20
CA VAL A 210 -17.18 -9.82 22.23
C VAL A 210 -15.96 -9.27 22.97
N GLY A 211 -14.77 -9.38 22.36
CA GLY A 211 -13.58 -8.70 22.83
C GLY A 211 -12.95 -7.93 21.69
N ASP A 212 -12.45 -6.72 21.89
CA ASP A 212 -12.03 -5.99 20.69
C ASP A 212 -10.98 -4.95 21.04
N LYS A 213 -10.40 -4.37 20.00
CA LYS A 213 -9.53 -3.23 20.16
C LYS A 213 -9.79 -2.28 18.99
N THR A 214 -9.98 -1.01 19.29
CA THR A 214 -10.33 -0.06 18.26
C THR A 214 -9.12 0.80 18.01
N GLY A 215 -9.26 1.72 17.06
CA GLY A 215 -8.31 2.77 16.79
C GLY A 215 -9.00 3.87 15.97
N SER A 216 -8.60 5.12 16.21
CA SER A 216 -9.04 6.23 15.40
C SER A 216 -7.91 7.25 15.30
N CYS A 217 -7.43 7.49 14.08
CA CYS A 217 -6.34 8.42 13.79
C CYS A 217 -6.74 9.89 13.94
N GLY A 218 -8.02 10.22 13.73
CA GLY A 218 -8.44 11.61 13.71
C GLY A 218 -7.93 12.31 12.44
N ALA A 219 -7.47 11.58 11.45
CA ALA A 219 -7.07 12.21 10.22
C ALA A 219 -7.39 11.27 9.06
N TYR A 220 -7.93 11.80 7.98
CA TYR A 220 -8.33 11.01 6.82
C TYR A 220 -9.46 10.05 7.18
N GLY A 221 -10.28 10.46 8.14
CA GLY A 221 -11.38 9.66 8.65
C GLY A 221 -10.97 8.24 9.00
N THR A 222 -9.78 8.08 9.59
CA THR A 222 -9.25 6.75 9.62
C THR A 222 -9.68 6.10 10.93
N ALA A 223 -10.32 4.95 10.84
CA ALA A 223 -10.67 4.26 12.06
C ALA A 223 -10.81 2.77 11.78
N ASN A 224 -10.73 1.98 12.86
CA ASN A 224 -10.68 0.54 12.70
C ASN A 224 -11.19 -0.15 13.97
N ASP A 225 -11.40 -1.45 13.87
CA ASP A 225 -11.76 -2.25 15.01
C ASP A 225 -11.39 -3.68 14.63
N TYR A 226 -10.93 -4.47 15.60
CA TYR A 226 -10.89 -5.91 15.47
C TYR A 226 -11.41 -6.57 16.74
N ALA A 227 -11.97 -7.77 16.58
CA ALA A 227 -12.77 -8.49 17.59
C ALA A 227 -12.65 -10.01 17.40
N VAL A 228 -12.66 -10.69 18.56
CA VAL A 228 -13.02 -12.08 18.73
C VAL A 228 -14.46 -12.06 19.21
N ILE A 229 -15.29 -12.96 18.65
CA ILE A 229 -16.71 -13.03 18.92
C ILE A 229 -17.07 -14.46 19.29
N TRP A 230 -17.80 -14.62 20.38
CA TRP A 230 -18.27 -15.89 20.92
C TRP A 230 -19.78 -15.97 20.86
N PRO A 231 -20.41 -16.41 19.74
CA PRO A 231 -21.87 -16.48 19.71
C PRO A 231 -22.27 -17.61 20.64
N LYS A 232 -23.53 -17.57 21.09
CA LYS A 232 -24.10 -18.65 21.90
C LYS A 232 -24.08 -19.99 21.14
N ASN A 233 -23.51 -21.02 21.79
CA ASN A 233 -23.46 -22.41 21.37
C ASN A 233 -22.90 -22.62 19.96
N ARG A 234 -21.82 -21.93 19.60
CA ARG A 234 -21.27 -21.98 18.25
C ARG A 234 -19.82 -21.52 18.30
N ALA A 235 -18.98 -21.92 17.34
CA ALA A 235 -17.56 -21.59 17.31
C ALA A 235 -17.26 -20.08 17.25
N PRO A 236 -16.12 -19.61 17.82
CA PRO A 236 -15.73 -18.18 17.77
C PRO A 236 -15.46 -17.61 16.38
N LEU A 237 -15.68 -16.28 16.19
CA LEU A 237 -15.48 -15.56 14.93
C LEU A 237 -14.40 -14.52 15.11
N ILE A 238 -13.65 -14.21 14.05
CA ILE A 238 -12.69 -13.11 14.07
C ILE A 238 -13.12 -12.12 13.01
N VAL A 239 -13.36 -10.86 13.40
CA VAL A 239 -13.61 -9.82 12.43
C VAL A 239 -12.53 -8.75 12.56
N SER A 240 -12.13 -8.21 11.42
CA SER A 240 -11.09 -7.20 11.39
C SER A 240 -11.49 -6.17 10.34
N ILE A 241 -11.75 -4.93 10.75
CA ILE A 241 -12.33 -3.91 9.89
C ILE A 241 -11.51 -2.63 9.93
N TYR A 242 -11.04 -2.19 8.77
CA TYR A 242 -10.22 -0.99 8.68
C TYR A 242 -10.75 -0.10 7.58
N THR A 243 -10.66 1.20 7.80
CA THR A 243 -11.31 2.16 6.93
C THR A 243 -10.42 3.39 6.88
N THR A 244 -10.45 4.10 5.78
CA THR A 244 -9.84 5.41 5.57
C THR A 244 -10.77 6.17 4.63
N ARG A 245 -10.55 7.47 4.51
CA ARG A 245 -11.53 8.29 3.81
C ARG A 245 -10.72 9.20 2.90
N LYS A 246 -11.32 9.77 1.84
CA LYS A 246 -10.58 10.51 0.81
C LYS A 246 -9.86 11.71 1.40
N SER A 247 -10.56 12.56 2.15
CA SER A 247 -9.98 13.85 2.51
C SER A 247 -9.42 13.89 3.95
N LYS A 248 -8.36 14.70 4.10
CA LYS A 248 -7.66 14.85 5.36
C LYS A 248 -8.63 15.19 6.51
N ASP A 249 -9.73 15.88 6.17
CA ASP A 249 -10.56 16.49 7.20
C ASP A 249 -11.82 15.68 7.48
N ASP A 250 -12.01 14.60 6.71
CA ASP A 250 -13.16 13.73 6.88
C ASP A 250 -13.09 13.13 8.27
N LYS A 251 -14.27 12.85 8.83
CA LYS A 251 -14.33 12.25 10.14
C LYS A 251 -14.50 10.74 10.03
N HIS A 252 -14.09 10.00 11.05
CA HIS A 252 -14.34 8.58 10.95
C HIS A 252 -15.86 8.34 10.98
N SER A 253 -16.28 7.16 10.47
CA SER A 253 -17.66 6.72 10.64
C SER A 253 -17.76 5.36 11.34
N ASP A 254 -18.22 5.37 12.59
CA ASP A 254 -18.45 4.15 13.37
C ASP A 254 -19.49 3.27 12.69
N LYS A 255 -20.58 3.89 12.23
CA LYS A 255 -21.70 3.16 11.66
C LYS A 255 -21.28 2.34 10.45
N THR A 256 -20.34 2.87 9.66
CA THR A 256 -19.76 2.16 8.52
C THR A 256 -18.99 0.93 9.02
N ILE A 257 -18.14 1.10 10.03
CA ILE A 257 -17.46 -0.04 10.62
C ILE A 257 -18.47 -1.09 11.08
N ALA A 258 -19.47 -0.68 11.86
CA ALA A 258 -20.47 -1.60 12.36
C ALA A 258 -21.12 -2.28 11.17
N GLU A 259 -21.44 -1.52 10.13
CA GLU A 259 -22.09 -2.12 8.98
C GLU A 259 -21.16 -3.09 8.24
N ALA A 260 -19.91 -2.70 8.01
CA ALA A 260 -18.98 -3.56 7.33
C ALA A 260 -18.86 -4.88 8.11
N SER A 261 -19.02 -4.80 9.44
CA SER A 261 -18.91 -5.96 10.31
C SER A 261 -20.11 -6.84 10.11
N ARG A 262 -21.29 -6.22 9.96
CA ARG A 262 -22.48 -7.05 9.82
C ARG A 262 -22.33 -7.83 8.53
N ILE A 263 -21.93 -7.15 7.48
CA ILE A 263 -21.82 -7.77 6.16
C ILE A 263 -20.81 -8.92 6.22
N ALA A 264 -19.74 -8.73 6.98
CA ALA A 264 -18.72 -9.75 7.09
C ALA A 264 -19.16 -10.94 7.92
N ILE A 265 -19.84 -10.69 9.03
CA ILE A 265 -20.33 -11.82 9.80
C ILE A 265 -21.32 -12.62 8.94
N GLN A 266 -21.99 -11.91 8.04
CA GLN A 266 -22.96 -12.60 7.22
C GLN A 266 -22.29 -13.39 6.08
N ALA A 267 -21.18 -12.88 5.51
CA ALA A 267 -20.49 -13.61 4.45
C ALA A 267 -19.98 -15.01 4.89
N ILE A 268 -19.60 -15.19 6.16
CA ILE A 268 -19.08 -16.47 6.68
C ILE A 268 -20.15 -17.29 7.43
N ASP A 269 -21.43 -16.89 7.30
CA ASP A 269 -22.52 -17.54 8.00
C ASP A 269 -23.34 -18.43 7.06
N ASN B 3 -7.96 -8.53 -40.27
CA ASN B 3 -9.16 -7.65 -40.12
C ASN B 3 -9.21 -7.07 -38.71
N LYS B 4 -9.10 -7.89 -37.65
CA LYS B 4 -9.30 -7.38 -36.29
C LYS B 4 -8.19 -6.41 -35.92
N SER B 5 -7.00 -6.66 -36.44
CA SER B 5 -5.90 -5.74 -36.28
C SER B 5 -6.10 -4.45 -37.09
N ASP B 6 -6.57 -4.60 -38.33
CA ASP B 6 -6.72 -3.51 -39.27
C ASP B 6 -7.82 -2.54 -38.85
N ALA B 7 -8.83 -3.05 -38.16
CA ALA B 7 -9.83 -2.10 -37.69
C ALA B 7 -9.33 -1.32 -36.46
N ALA B 8 -8.52 -1.96 -35.60
CA ALA B 8 -7.97 -1.27 -34.43
C ALA B 8 -7.06 -0.13 -34.91
N ALA B 9 -6.22 -0.45 -35.90
CA ALA B 9 -5.35 0.52 -36.57
C ALA B 9 -6.17 1.67 -37.16
N LYS B 10 -7.29 1.38 -37.84
CA LYS B 10 -8.15 2.45 -38.37
C LYS B 10 -8.61 3.36 -37.23
N GLN B 11 -8.94 2.78 -36.11
CA GLN B 11 -9.56 3.60 -35.09
C GLN B 11 -8.49 4.50 -34.48
N ILE B 12 -7.29 3.95 -34.28
CA ILE B 12 -6.22 4.68 -33.66
C ILE B 12 -5.84 5.85 -34.56
N LYS B 13 -5.81 5.58 -35.88
CA LYS B 13 -5.41 6.56 -36.87
C LYS B 13 -6.38 7.73 -36.85
N LYS B 14 -7.67 7.42 -36.74
CA LYS B 14 -8.70 8.44 -36.65
C LYS B 14 -8.38 9.30 -35.42
N LEU B 15 -8.03 8.59 -34.34
CA LEU B 15 -7.94 9.23 -33.03
C LEU B 15 -6.79 10.22 -33.01
N GLU B 16 -5.71 9.88 -33.74
CA GLU B 16 -4.52 10.70 -33.70
C GLU B 16 -4.72 11.91 -34.60
N GLU B 17 -5.45 11.76 -35.72
CA GLU B 17 -5.84 12.86 -36.59
C GLU B 17 -6.77 13.82 -35.84
N ASP B 18 -7.72 13.22 -35.11
CA ASP B 18 -8.68 14.00 -34.35
C ASP B 18 -8.01 15.03 -33.44
N PHE B 19 -7.00 14.64 -32.67
CA PHE B 19 -6.32 15.60 -31.81
C PHE B 19 -5.03 16.12 -32.47
N ASP B 20 -4.81 15.80 -33.74
CA ASP B 20 -3.72 16.35 -34.52
C ASP B 20 -2.38 16.04 -33.85
N GLY B 21 -2.13 14.74 -33.67
CA GLY B 21 -0.84 14.31 -33.15
C GLY B 21 -0.52 12.92 -33.62
N ARG B 22 0.18 12.19 -32.76
CA ARG B 22 0.68 10.88 -33.11
C ARG B 22 0.50 9.95 -31.91
N ILE B 23 0.04 8.72 -32.14
CA ILE B 23 -0.21 7.76 -31.05
C ILE B 23 0.56 6.46 -31.28
N GLY B 24 1.23 5.96 -30.26
CA GLY B 24 2.02 4.76 -30.29
C GLY B 24 1.46 3.76 -29.28
N VAL B 25 1.11 2.56 -29.79
CA VAL B 25 0.46 1.60 -28.94
C VAL B 25 1.17 0.27 -29.05
N PHE B 26 1.23 -0.46 -27.93
CA PHE B 26 1.58 -1.86 -27.99
C PHE B 26 0.90 -2.59 -26.83
N ALA B 27 0.17 -3.65 -27.17
CA ALA B 27 -0.53 -4.45 -26.17
C ALA B 27 -0.22 -5.93 -26.37
N ILE B 28 -0.03 -6.63 -25.25
CA ILE B 28 0.26 -8.05 -25.23
C ILE B 28 -0.75 -8.74 -24.35
N ASP B 29 -1.33 -9.84 -24.81
CA ASP B 29 -2.05 -10.74 -23.93
C ASP B 29 -1.16 -11.92 -23.59
N THR B 30 -0.65 -12.00 -22.35
CA THR B 30 0.35 -13.01 -21.96
C THR B 30 -0.29 -14.40 -21.87
N GLY B 31 -1.62 -14.46 -21.99
CA GLY B 31 -2.34 -15.72 -21.96
C GLY B 31 -2.22 -16.42 -23.31
N SER B 32 -2.61 -15.72 -24.37
CA SER B 32 -2.52 -16.20 -25.74
C SER B 32 -1.19 -15.88 -26.46
N GLY B 33 -0.41 -14.88 -26.04
CA GLY B 33 0.65 -14.41 -26.91
C GLY B 33 0.22 -13.33 -27.93
N ASN B 34 -1.11 -13.10 -28.14
CA ASN B 34 -1.58 -12.12 -29.11
C ASN B 34 -1.13 -10.70 -28.80
N THR B 35 -0.71 -9.97 -29.82
CA THR B 35 -0.18 -8.63 -29.68
C THR B 35 -0.95 -7.73 -30.61
N PHE B 36 -0.83 -6.42 -30.38
CA PHE B 36 -1.31 -5.40 -31.31
C PHE B 36 -0.39 -4.18 -31.18
N GLY B 37 -0.04 -3.56 -32.29
CA GLY B 37 0.84 -2.41 -32.27
C GLY B 37 0.33 -1.42 -33.29
N TYR B 38 0.49 -0.17 -32.96
CA TYR B 38 0.31 0.80 -33.99
C TYR B 38 1.39 1.84 -33.73
N ARG B 39 2.14 2.09 -34.79
CA ARG B 39 3.35 2.86 -34.76
C ARG B 39 4.26 2.30 -33.67
N SER B 40 4.21 0.97 -33.44
CA SER B 40 4.82 0.43 -32.23
C SER B 40 6.35 0.41 -32.27
N ASP B 41 6.97 0.80 -33.41
CA ASP B 41 8.41 0.76 -33.62
C ASP B 41 8.90 2.20 -33.85
N GLU B 42 8.02 3.17 -33.62
CA GLU B 42 8.42 4.56 -33.81
C GLU B 42 8.77 5.08 -32.43
N ARG B 43 9.56 6.15 -32.40
CA ARG B 43 10.14 6.62 -31.16
C ARG B 43 9.24 7.67 -30.56
N PHE B 44 9.06 7.66 -29.23
CA PHE B 44 8.26 8.67 -28.53
C PHE B 44 9.00 9.06 -27.25
N PRO B 45 8.96 10.36 -26.79
CA PRO B 45 9.68 10.74 -25.57
C PRO B 45 9.16 9.89 -24.40
N LEU B 46 10.06 9.49 -23.49
CA LEU B 46 9.78 8.75 -22.28
C LEU B 46 9.14 9.58 -21.16
N CYS B 47 9.44 10.87 -21.08
CA CYS B 47 9.09 11.73 -19.94
C CYS B 47 9.46 11.00 -18.66
N SER B 48 8.63 11.12 -17.64
CA SER B 48 8.87 10.44 -16.38
C SER B 48 8.69 8.93 -16.50
N SER B 49 8.19 8.40 -17.60
CA SER B 49 7.74 7.00 -17.48
C SER B 49 8.92 6.10 -17.13
N PHE B 50 10.13 6.55 -17.40
CA PHE B 50 11.28 5.66 -17.26
C PHE B 50 11.62 5.42 -15.81
N LYS B 51 10.97 6.19 -14.89
CA LYS B 51 11.17 6.02 -13.46
C LYS B 51 10.69 4.64 -13.03
N GLY B 52 9.76 4.09 -13.77
CA GLY B 52 9.30 2.76 -13.45
C GLY B 52 10.39 1.73 -13.72
N PHE B 53 11.28 2.01 -14.68
CA PHE B 53 12.31 1.03 -14.95
C PHE B 53 13.50 1.27 -14.02
N LEU B 54 13.60 2.51 -13.53
CA LEU B 54 14.64 2.89 -12.59
C LEU B 54 14.37 2.18 -11.27
N ALA B 55 13.09 2.05 -10.94
CA ALA B 55 12.77 1.36 -9.71
C ALA B 55 13.15 -0.12 -9.82
N ALA B 56 12.98 -0.65 -11.04
CA ALA B 56 13.25 -2.06 -11.26
C ALA B 56 14.75 -2.28 -11.22
N ALA B 57 15.50 -1.34 -11.83
CA ALA B 57 16.96 -1.40 -11.77
C ALA B 57 17.43 -1.47 -10.33
N VAL B 58 16.89 -0.63 -9.44
CA VAL B 58 17.23 -0.65 -8.03
C VAL B 58 16.96 -2.01 -7.38
N LEU B 59 15.81 -2.60 -7.70
CA LEU B 59 15.51 -3.89 -7.11
C LEU B 59 16.47 -4.94 -7.66
N GLU B 60 16.94 -4.72 -8.88
CA GLU B 60 17.85 -5.72 -9.41
C GLU B 60 19.15 -5.74 -8.61
N ARG B 61 19.67 -4.54 -8.30
CA ARG B 61 20.87 -4.39 -7.50
C ARG B 61 20.66 -4.92 -6.07
N VAL B 62 19.43 -4.85 -5.51
CA VAL B 62 19.12 -5.43 -4.20
C VAL B 62 19.29 -6.95 -4.23
N GLN B 63 18.64 -7.57 -5.22
CA GLN B 63 18.68 -9.00 -5.48
C GLN B 63 20.15 -9.49 -5.69
N GLN B 64 21.00 -8.70 -6.34
CA GLN B 64 22.40 -9.08 -6.46
C GLN B 64 23.23 -8.68 -5.23
N LYS B 65 22.59 -8.13 -4.18
CA LYS B 65 23.29 -7.81 -2.94
C LYS B 65 24.33 -6.70 -3.12
N LYS B 66 24.18 -5.86 -4.16
CA LYS B 66 25.03 -4.69 -4.33
C LYS B 66 24.48 -3.52 -3.52
N LEU B 67 23.22 -3.67 -3.05
CA LEU B 67 22.51 -2.64 -2.29
C LEU B 67 21.53 -3.32 -1.35
N ASP B 68 21.18 -2.64 -0.30
CA ASP B 68 20.22 -3.15 0.66
C ASP B 68 18.97 -2.27 0.55
N ILE B 69 17.78 -2.90 0.55
CA ILE B 69 16.54 -2.15 0.40
C ILE B 69 16.27 -1.24 1.59
N ASN B 70 16.88 -1.49 2.76
CA ASN B 70 16.61 -0.67 3.95
C ASN B 70 17.74 0.28 4.30
N GLN B 71 18.83 0.30 3.50
CA GLN B 71 19.90 1.25 3.78
C GLN B 71 19.32 2.66 3.70
N LYS B 72 19.76 3.53 4.65
CA LYS B 72 19.35 4.92 4.73
C LYS B 72 20.06 5.69 3.61
N VAL B 73 19.31 6.63 3.01
CA VAL B 73 19.88 7.52 2.01
C VAL B 73 19.64 8.94 2.50
N LYS B 74 20.74 9.68 2.83
CA LYS B 74 20.71 11.01 3.44
C LYS B 74 20.93 12.07 2.38
N TYR B 75 20.14 13.15 2.42
CA TYR B 75 20.22 14.18 1.38
C TYR B 75 19.81 15.52 2.00
N GLU B 76 20.14 15.67 3.29
CA GLU B 76 19.85 16.80 4.15
C GLU B 76 20.36 18.12 3.58
N SER B 77 21.39 18.10 2.73
CA SER B 77 21.97 19.32 2.17
C SER B 77 21.51 19.67 0.75
N ARG B 78 20.68 18.84 0.10
CA ARG B 78 20.42 18.95 -1.34
C ARG B 78 19.36 20.03 -1.65
N ASP B 79 19.50 20.70 -2.78
CA ASP B 79 18.41 21.52 -3.27
C ASP B 79 17.53 20.63 -4.15
N LEU B 80 16.47 20.05 -3.55
CA LEU B 80 15.59 19.15 -4.26
C LEU B 80 15.02 19.81 -5.52
N GLU B 81 14.97 19.02 -6.58
CA GLU B 81 14.36 19.35 -7.85
C GLU B 81 12.88 19.65 -7.66
N TYR B 82 12.37 20.54 -8.50
CA TYR B 82 10.95 20.65 -8.66
C TYR B 82 10.32 19.26 -8.70
N HIS B 83 9.15 19.17 -8.07
CA HIS B 83 8.29 18.00 -8.11
C HIS B 83 9.01 16.86 -7.42
N SER B 84 9.33 17.14 -6.18
CA SER B 84 9.78 16.10 -5.29
C SER B 84 8.81 15.96 -4.12
N PRO B 85 7.55 15.53 -4.31
CA PRO B 85 6.53 15.58 -3.25
C PRO B 85 6.98 14.83 -2.01
N ILE B 86 7.57 13.65 -2.23
CA ILE B 86 7.94 12.70 -1.17
C ILE B 86 9.33 12.99 -0.57
N THR B 87 10.33 13.22 -1.42
CA THR B 87 11.64 13.46 -0.86
C THR B 87 11.68 14.78 -0.08
N THR B 88 10.91 15.79 -0.49
N THR B 88 10.90 15.80 -0.50
CA THR B 88 10.93 17.03 0.28
CA THR B 88 10.87 17.04 0.25
C THR B 88 10.45 16.76 1.71
C THR B 88 10.42 16.79 1.69
N LYS B 89 9.49 15.85 1.88
CA LYS B 89 8.95 15.65 3.20
C LYS B 89 9.90 14.88 4.13
N TYR B 90 10.93 14.20 3.61
CA TYR B 90 11.79 13.34 4.41
C TYR B 90 13.22 13.91 4.45
N LYS B 91 13.39 15.16 4.00
CA LYS B 91 14.73 15.71 3.83
C LYS B 91 15.61 15.56 5.07
N GLY B 92 15.05 15.80 6.28
CA GLY B 92 15.79 15.74 7.53
C GLY B 92 16.22 14.31 7.89
N SER B 93 15.33 13.35 7.69
CA SER B 93 15.54 12.02 8.28
C SER B 93 16.19 11.04 7.30
N GLY B 94 16.33 11.43 6.04
CA GLY B 94 16.62 10.45 5.01
C GLY B 94 15.42 9.52 4.78
N MET B 95 15.59 8.55 3.87
CA MET B 95 14.57 7.57 3.50
C MET B 95 15.30 6.25 3.24
N THR B 96 14.59 5.11 3.30
CA THR B 96 15.18 3.86 2.84
C THR B 96 15.37 3.88 1.32
N LEU B 97 16.34 3.09 0.86
CA LEU B 97 16.53 3.00 -0.57
C LEU B 97 15.22 2.59 -1.23
N GLY B 98 14.49 1.67 -0.58
CA GLY B 98 13.28 1.14 -1.17
C GLY B 98 12.13 2.16 -1.24
N ASP B 99 11.90 2.88 -0.14
CA ASP B 99 10.89 3.93 -0.16
C ASP B 99 11.30 5.00 -1.17
N MET B 100 12.62 5.22 -1.36
CA MET B 100 12.99 6.29 -2.24
C MET B 100 12.63 5.89 -3.67
N ALA B 101 13.01 4.66 -4.03
CA ALA B 101 12.74 4.16 -5.36
C ALA B 101 11.24 4.16 -5.65
N SER B 102 10.41 3.66 -4.73
CA SER B 102 8.96 3.65 -4.97
C SER B 102 8.36 5.07 -5.01
N ALA B 103 8.95 6.00 -4.29
CA ALA B 103 8.57 7.39 -4.41
C ALA B 103 8.87 7.86 -5.83
N ALA B 104 10.06 7.51 -6.33
CA ALA B 104 10.36 7.79 -7.72
C ALA B 104 9.21 7.30 -8.60
N LEU B 105 8.65 6.13 -8.29
CA LEU B 105 7.70 5.54 -9.21
C LEU B 105 6.31 6.10 -8.93
N GLN B 106 5.94 6.22 -7.65
CA GLN B 106 4.52 6.33 -7.37
C GLN B 106 4.09 7.77 -7.43
N TYR B 107 5.07 8.68 -7.27
CA TYR B 107 4.76 10.08 -7.25
C TYR B 107 5.60 10.76 -8.30
N SER B 108 6.44 9.97 -8.98
CA SER B 108 7.31 10.47 -10.04
C SER B 108 8.28 11.51 -9.45
N ASP B 109 8.83 11.23 -8.28
CA ASP B 109 9.61 12.18 -7.50
C ASP B 109 10.98 12.45 -8.14
N ASN B 110 11.26 13.70 -8.50
CA ASN B 110 12.42 13.99 -9.30
C ASN B 110 13.70 13.95 -8.45
N GLY B 111 13.60 14.35 -7.17
CA GLY B 111 14.73 14.26 -6.25
C GLY B 111 15.11 12.79 -5.98
N ALA B 112 14.11 11.92 -5.77
CA ALA B 112 14.32 10.49 -5.65
C ALA B 112 15.01 10.00 -6.92
N THR B 113 14.48 10.42 -8.06
CA THR B 113 15.04 10.01 -9.34
C THR B 113 16.53 10.35 -9.42
N ASN B 114 16.89 11.61 -9.20
CA ASN B 114 18.21 12.07 -9.57
C ASN B 114 19.26 11.53 -8.62
N ILE B 115 18.83 11.40 -7.36
CA ILE B 115 19.65 10.89 -6.28
C ILE B 115 20.00 9.44 -6.61
N ILE B 116 19.00 8.64 -6.95
CA ILE B 116 19.26 7.24 -7.14
C ILE B 116 20.19 7.05 -8.34
N MET B 117 19.96 7.80 -9.43
CA MET B 117 20.78 7.76 -10.63
C MET B 117 22.21 8.23 -10.41
N GLU B 118 22.40 9.24 -9.54
CA GLU B 118 23.76 9.72 -9.28
C GLU B 118 24.51 8.82 -8.30
N ARG B 119 23.81 8.10 -7.40
CA ARG B 119 24.50 7.43 -6.32
C ARG B 119 24.60 5.94 -6.59
N PHE B 120 23.56 5.36 -7.18
CA PHE B 120 23.43 3.91 -7.25
C PHE B 120 23.48 3.33 -8.68
N LEU B 121 23.20 4.11 -9.74
CA LEU B 121 22.83 3.58 -11.05
C LEU B 121 23.80 3.95 -12.18
N GLY B 122 24.79 4.78 -11.96
CA GLY B 122 25.64 5.22 -13.08
C GLY B 122 24.93 6.21 -14.02
N GLY B 123 24.05 7.08 -13.47
CA GLY B 123 23.41 8.14 -14.23
C GLY B 123 22.62 7.63 -15.44
N PRO B 124 22.23 8.54 -16.37
CA PRO B 124 21.60 8.20 -17.65
C PRO B 124 22.21 7.04 -18.43
N GLU B 125 23.54 7.09 -18.61
CA GLU B 125 24.22 5.98 -19.29
C GLU B 125 23.97 4.64 -18.59
N GLY B 126 23.96 4.59 -17.26
CA GLY B 126 23.84 3.34 -16.55
C GLY B 126 22.37 2.91 -16.45
N MET B 127 21.41 3.81 -16.55
CA MET B 127 20.03 3.41 -16.77
C MET B 127 19.90 2.69 -18.12
N THR B 128 20.46 3.29 -19.18
CA THR B 128 20.41 2.74 -20.51
C THR B 128 21.14 1.39 -20.46
N LYS B 129 22.15 1.25 -19.60
CA LYS B 129 22.91 -0.01 -19.48
C LYS B 129 22.03 -1.07 -18.82
N PHE B 130 21.23 -0.67 -17.85
CA PHE B 130 20.36 -1.64 -17.22
C PHE B 130 19.37 -2.17 -18.27
N MET B 131 18.94 -1.31 -19.20
CA MET B 131 17.96 -1.72 -20.18
C MET B 131 18.58 -2.64 -21.27
N ARG B 132 19.81 -2.38 -21.68
CA ARG B 132 20.46 -3.28 -22.62
C ARG B 132 20.59 -4.67 -22.00
N SER B 133 20.84 -4.71 -20.68
CA SER B 133 21.15 -5.95 -19.96
C SER B 133 19.92 -6.85 -19.85
N ILE B 134 18.71 -6.29 -20.02
CA ILE B 134 17.52 -7.13 -20.06
C ILE B 134 17.09 -7.28 -21.51
N GLY B 135 17.86 -6.67 -22.44
CA GLY B 135 17.63 -6.91 -23.85
C GLY B 135 16.72 -5.89 -24.54
N ASP B 136 16.49 -4.73 -23.89
CA ASP B 136 15.85 -3.58 -24.54
C ASP B 136 16.92 -2.81 -25.33
N ASN B 137 16.78 -2.74 -26.65
CA ASN B 137 17.78 -2.10 -27.49
C ASN B 137 17.32 -0.72 -27.97
N GLU B 138 16.05 -0.36 -27.72
CA GLU B 138 15.57 0.86 -28.34
C GLU B 138 15.56 1.99 -27.31
N PHE B 139 15.38 1.64 -26.02
CA PHE B 139 15.37 2.57 -24.88
C PHE B 139 16.66 3.41 -24.87
N ARG B 140 16.53 4.73 -24.77
CA ARG B 140 17.72 5.50 -24.45
C ARG B 140 17.38 6.58 -23.43
N LEU B 141 18.30 6.78 -22.51
CA LEU B 141 18.16 7.92 -21.62
C LEU B 141 19.44 8.74 -21.70
N ASP B 142 19.33 10.06 -21.80
CA ASP B 142 20.47 10.89 -22.14
C ASP B 142 20.69 11.93 -21.06
N ARG B 143 19.62 12.55 -20.58
CA ARG B 143 19.67 13.70 -19.71
C ARG B 143 19.00 13.30 -18.40
N TRP B 144 18.98 14.20 -17.41
CA TRP B 144 18.57 13.86 -16.04
C TRP B 144 17.11 14.24 -15.87
N ALA B 145 16.54 14.02 -14.69
CA ALA B 145 15.09 14.09 -14.40
C ALA B 145 14.38 15.25 -15.09
N LEU B 146 14.95 16.42 -14.93
CA LEU B 146 14.28 17.66 -15.28
C LEU B 146 14.69 18.17 -16.67
N GLU B 147 15.69 17.55 -17.28
CA GLU B 147 16.15 18.03 -18.56
C GLU B 147 15.52 17.18 -19.67
N LEU B 148 14.90 16.06 -19.30
CA LEU B 148 14.56 15.12 -20.34
C LEU B 148 13.15 15.35 -20.87
N ASN B 149 12.54 16.51 -20.55
CA ASN B 149 11.11 16.69 -20.74
C ASN B 149 10.79 17.59 -21.94
N THR B 150 11.79 17.89 -22.74
CA THR B 150 11.59 18.90 -23.76
C THR B 150 10.77 18.37 -24.94
N ALA B 151 10.76 17.06 -25.18
CA ALA B 151 9.90 16.43 -26.17
C ALA B 151 9.89 17.14 -27.54
N ILE B 152 11.01 17.73 -27.94
CA ILE B 152 11.15 18.46 -29.21
C ILE B 152 10.99 17.47 -30.38
N PRO B 153 10.21 17.79 -31.42
CA PRO B 153 9.98 16.82 -32.50
C PRO B 153 11.29 16.44 -33.17
N GLY B 154 11.47 15.13 -33.42
CA GLY B 154 12.61 14.64 -34.17
C GLY B 154 13.87 14.51 -33.31
N ASP B 155 13.74 14.83 -32.01
CA ASP B 155 14.84 14.61 -31.06
C ASP B 155 14.76 13.16 -30.60
N LYS B 156 15.86 12.45 -30.59
CA LYS B 156 15.69 11.05 -30.20
C LYS B 156 16.19 10.86 -28.79
N ARG B 157 16.70 11.93 -28.21
CA ARG B 157 17.16 11.89 -26.85
C ARG B 157 15.99 11.42 -25.96
N ASP B 158 16.27 10.46 -25.06
CA ASP B 158 15.24 10.22 -24.07
C ASP B 158 13.97 9.61 -24.66
N THR B 159 14.13 8.66 -25.60
CA THR B 159 13.00 8.05 -26.29
C THR B 159 13.06 6.52 -26.17
N SER B 160 11.90 5.90 -26.40
CA SER B 160 11.80 4.48 -26.66
C SER B 160 10.69 4.31 -27.70
N THR B 161 10.32 3.08 -27.98
CA THR B 161 9.20 2.75 -28.84
C THR B 161 8.16 2.09 -27.95
N PRO B 162 6.85 2.24 -28.25
CA PRO B 162 5.81 1.47 -27.52
C PRO B 162 6.05 -0.05 -27.28
N LYS B 163 6.43 -0.75 -28.35
CA LYS B 163 6.78 -2.16 -28.32
C LYS B 163 7.89 -2.41 -27.31
N ALA B 164 8.94 -1.58 -27.36
CA ALA B 164 10.10 -1.87 -26.57
C ALA B 164 9.75 -1.66 -25.09
N VAL B 165 8.90 -0.68 -24.84
CA VAL B 165 8.48 -0.46 -23.48
C VAL B 165 7.65 -1.65 -22.97
N ALA B 166 6.72 -2.14 -23.80
CA ALA B 166 5.82 -3.21 -23.40
C ALA B 166 6.66 -4.44 -23.10
N ASN B 167 7.60 -4.75 -24.02
CA ASN B 167 8.43 -5.93 -23.89
C ASN B 167 9.21 -5.84 -22.60
N SER B 168 9.74 -4.65 -22.33
CA SER B 168 10.51 -4.52 -21.09
C SER B 168 9.62 -4.76 -19.86
N LEU B 169 8.42 -4.20 -19.88
CA LEU B 169 7.58 -4.24 -18.69
C LEU B 169 7.19 -5.69 -18.46
N ASN B 170 6.93 -6.39 -19.58
CA ASN B 170 6.67 -7.82 -19.52
C ASN B 170 7.87 -8.51 -18.88
N LYS B 171 9.10 -8.24 -19.39
CA LYS B 171 10.25 -8.90 -18.79
C LYS B 171 10.32 -8.61 -17.28
N LEU B 172 10.10 -7.36 -16.86
CA LEU B 172 10.39 -6.93 -15.50
C LEU B 172 9.26 -7.32 -14.54
N ALA B 173 8.00 -7.13 -14.97
CA ALA B 173 6.87 -7.35 -14.09
C ALA B 173 6.48 -8.83 -14.05
N LEU B 174 6.67 -9.55 -15.17
CA LEU B 174 6.11 -10.88 -15.31
C LEU B 174 7.23 -11.90 -15.58
N GLY B 175 8.32 -11.43 -16.20
CA GLY B 175 9.47 -12.25 -16.56
C GLY B 175 10.26 -12.70 -15.34
N ASN B 176 11.56 -12.99 -15.50
CA ASN B 176 12.35 -13.48 -14.37
C ASN B 176 13.71 -12.77 -14.22
N VAL B 177 13.80 -11.51 -14.65
CA VAL B 177 14.89 -10.65 -14.24
C VAL B 177 14.91 -10.46 -12.71
N LEU B 178 13.70 -10.45 -12.08
CA LEU B 178 13.54 -10.36 -10.63
C LEU B 178 13.01 -11.69 -10.13
N ASN B 179 13.56 -12.21 -9.01
CA ASN B 179 13.10 -13.46 -8.43
C ASN B 179 11.70 -13.23 -7.85
N ALA B 180 10.97 -14.32 -7.55
CA ALA B 180 9.61 -14.28 -6.99
C ALA B 180 9.41 -13.12 -5.99
N LYS B 181 10.28 -13.08 -4.97
CA LYS B 181 10.00 -12.23 -3.82
C LYS B 181 10.14 -10.77 -4.25
N VAL B 182 11.23 -10.47 -4.96
CA VAL B 182 11.56 -9.10 -5.39
C VAL B 182 10.57 -8.63 -6.46
N LYS B 183 10.15 -9.56 -7.32
CA LYS B 183 9.16 -9.26 -8.34
C LYS B 183 7.85 -8.82 -7.68
N ALA B 184 7.49 -9.42 -6.53
CA ALA B 184 6.23 -9.10 -5.87
C ALA B 184 6.30 -7.69 -5.27
N ILE B 185 7.49 -7.32 -4.80
CA ILE B 185 7.67 -5.97 -4.28
C ILE B 185 7.45 -4.98 -5.43
N TYR B 186 8.02 -5.29 -6.59
CA TYR B 186 7.99 -4.45 -7.77
C TYR B 186 6.55 -4.17 -8.23
N GLN B 187 5.75 -5.24 -8.21
CA GLN B 187 4.34 -5.24 -8.57
C GLN B 187 3.60 -4.34 -7.58
N ASN B 188 3.94 -4.51 -6.30
CA ASN B 188 3.13 -3.82 -5.32
C ASN B 188 3.41 -2.33 -5.51
N TRP B 189 4.67 -2.01 -5.79
CA TRP B 189 4.99 -0.63 -6.15
C TRP B 189 4.15 -0.08 -7.34
N LEU B 190 4.13 -0.84 -8.46
CA LEU B 190 3.35 -0.44 -9.63
C LEU B 190 1.87 -0.25 -9.30
N LYS B 191 1.29 -1.21 -8.55
CA LYS B 191 -0.11 -1.18 -8.12
C LYS B 191 -0.45 0.11 -7.36
N GLY B 192 0.44 0.62 -6.50
CA GLY B 192 0.18 1.84 -5.78
C GLY B 192 0.53 3.14 -6.53
N ASN B 193 0.73 3.08 -7.85
CA ASN B 193 1.02 4.33 -8.57
C ASN B 193 -0.16 5.32 -8.40
N THR B 194 0.12 6.62 -8.22
CA THR B 194 -0.94 7.54 -7.88
C THR B 194 -1.41 8.42 -9.05
N THR B 195 -0.76 8.28 -10.19
CA THR B 195 -0.79 9.37 -11.15
C THR B 195 -1.54 8.95 -12.41
N GLY B 196 -2.10 7.72 -12.40
CA GLY B 196 -2.61 7.21 -13.67
C GLY B 196 -4.12 6.96 -13.65
N ASP B 197 -4.85 7.63 -12.74
CA ASP B 197 -6.26 7.32 -12.58
C ASP B 197 -7.04 7.56 -13.89
N ALA B 198 -6.67 8.58 -14.65
CA ALA B 198 -7.39 9.01 -15.84
C ALA B 198 -6.83 8.34 -17.13
N ARG B 199 -5.82 7.44 -17.01
CA ARG B 199 -5.13 6.95 -18.21
C ARG B 199 -5.48 5.50 -18.53
N ILE B 200 -4.51 4.57 -18.56
CA ILE B 200 -4.84 3.16 -18.73
C ILE B 200 -5.84 2.71 -17.69
N ARG B 201 -5.68 3.10 -16.42
CA ARG B 201 -6.61 2.67 -15.40
C ARG B 201 -8.06 2.97 -15.84
N ALA B 202 -8.24 4.08 -16.58
CA ALA B 202 -9.58 4.54 -16.95
C ALA B 202 -10.18 3.67 -18.05
N SER B 203 -9.35 2.85 -18.75
CA SER B 203 -9.85 2.04 -19.85
C SER B 203 -10.29 0.63 -19.44
N VAL B 204 -10.26 0.24 -18.16
CA VAL B 204 -10.64 -1.12 -17.79
C VAL B 204 -11.48 -1.04 -16.52
N PRO B 205 -12.22 -2.11 -16.11
CA PRO B 205 -13.03 -2.06 -14.90
C PRO B 205 -12.39 -1.66 -13.57
N ALA B 206 -13.22 -1.18 -12.64
CA ALA B 206 -12.77 -0.72 -11.32
C ALA B 206 -12.18 -1.86 -10.45
N ASP B 207 -12.74 -3.08 -10.51
CA ASP B 207 -12.24 -4.17 -9.65
C ASP B 207 -10.99 -4.91 -10.20
N TRP B 208 -10.55 -4.66 -11.45
CA TRP B 208 -9.31 -5.21 -11.97
C TRP B 208 -8.10 -4.55 -11.30
N VAL B 209 -7.15 -5.37 -10.90
CA VAL B 209 -5.85 -4.91 -10.42
C VAL B 209 -5.02 -4.39 -11.61
N VAL B 210 -4.40 -3.21 -11.42
CA VAL B 210 -3.63 -2.48 -12.42
C VAL B 210 -2.36 -1.95 -11.74
N GLY B 211 -1.21 -2.01 -12.44
CA GLY B 211 0.03 -1.39 -11.99
C GLY B 211 0.58 -0.54 -13.14
N ASP B 212 0.97 0.72 -12.92
CA ASP B 212 1.29 1.49 -14.12
C ASP B 212 2.33 2.56 -13.80
N LYS B 213 2.84 3.20 -14.86
CA LYS B 213 3.72 4.36 -14.68
C LYS B 213 3.40 5.35 -15.80
N THR B 214 3.15 6.61 -15.44
CA THR B 214 2.76 7.60 -16.41
C THR B 214 3.95 8.52 -16.66
N GLY B 215 3.77 9.40 -17.63
CA GLY B 215 4.72 10.49 -17.90
C GLY B 215 3.99 11.61 -18.67
N SER B 216 4.30 12.87 -18.31
CA SER B 216 3.79 14.05 -19.02
C SER B 216 4.92 15.06 -19.16
N CYS B 217 5.32 15.33 -20.40
CA CYS B 217 6.41 16.24 -20.69
C CYS B 217 6.02 17.70 -20.50
N GLY B 218 4.73 18.04 -20.68
CA GLY B 218 4.36 19.42 -20.50
C GLY B 218 4.81 20.25 -21.70
N ALA B 219 5.12 19.59 -22.81
CA ALA B 219 5.36 20.36 -24.02
C ALA B 219 5.03 19.45 -25.20
N TYR B 220 4.49 20.02 -26.28
CA TYR B 220 4.17 19.26 -27.49
C TYR B 220 3.15 18.17 -27.21
N GLY B 221 2.27 18.47 -26.24
CA GLY B 221 1.22 17.60 -25.77
C GLY B 221 1.72 16.20 -25.47
N THR B 222 2.94 16.05 -24.99
CA THR B 222 3.51 14.72 -25.00
C THR B 222 3.17 14.01 -23.69
N ALA B 223 2.53 12.85 -23.77
CA ALA B 223 2.27 12.13 -22.51
C ALA B 223 2.10 10.64 -22.79
N ASN B 224 2.24 9.82 -21.75
CA ASN B 224 2.27 8.37 -21.94
C ASN B 224 1.82 7.65 -20.69
N ASP B 225 1.53 6.37 -20.83
CA ASP B 225 1.29 5.51 -19.69
C ASP B 225 1.61 4.08 -20.12
N TYR B 226 2.07 3.26 -19.18
CA TYR B 226 2.24 1.83 -19.39
C TYR B 226 1.81 1.08 -18.13
N ALA B 227 1.30 -0.15 -18.30
CA ALA B 227 0.56 -0.90 -17.29
C ALA B 227 0.68 -2.40 -17.53
N VAL B 228 0.68 -3.14 -16.43
CA VAL B 228 0.38 -4.54 -16.31
C VAL B 228 -1.02 -4.58 -15.72
N ILE B 229 -1.87 -5.48 -16.26
CA ILE B 229 -3.28 -5.58 -15.93
C ILE B 229 -3.52 -7.04 -15.59
N TRP B 230 -4.13 -7.28 -14.43
CA TRP B 230 -4.63 -8.58 -13.98
C TRP B 230 -6.16 -8.59 -14.03
N PRO B 231 -6.80 -9.07 -15.11
CA PRO B 231 -8.26 -9.18 -15.07
C PRO B 231 -8.60 -10.39 -14.18
N LYS B 232 -9.82 -10.44 -13.69
CA LYS B 232 -10.20 -11.62 -12.89
C LYS B 232 -10.21 -12.90 -13.73
N ASN B 233 -9.56 -13.94 -13.17
CA ASN B 233 -9.54 -15.34 -13.60
C ASN B 233 -9.03 -15.50 -15.03
N ARG B 234 -7.94 -14.81 -15.36
CA ARG B 234 -7.50 -14.68 -16.74
C ARG B 234 -6.06 -14.16 -16.73
N ALA B 235 -5.26 -14.46 -17.76
CA ALA B 235 -3.84 -14.10 -17.78
C ALA B 235 -3.62 -12.59 -17.83
N PRO B 236 -2.52 -12.04 -17.25
CA PRO B 236 -2.19 -10.60 -17.32
C PRO B 236 -2.09 -9.98 -18.73
N LEU B 237 -2.43 -8.67 -18.88
CA LEU B 237 -2.26 -7.93 -20.14
C LEU B 237 -1.21 -6.83 -19.93
N ILE B 238 -0.48 -6.51 -21.01
CA ILE B 238 0.46 -5.41 -20.98
C ILE B 238 -0.06 -4.39 -21.98
N VAL B 239 -0.24 -3.14 -21.49
CA VAL B 239 -0.48 -2.05 -22.41
C VAL B 239 0.63 -0.98 -22.33
N SER B 240 0.94 -0.37 -23.48
CA SER B 240 1.92 0.66 -23.53
C SER B 240 1.44 1.73 -24.53
N ILE B 241 1.18 2.95 -24.05
CA ILE B 241 0.56 3.99 -24.86
C ILE B 241 1.39 5.28 -24.81
N TYR B 242 1.82 5.79 -25.97
CA TYR B 242 2.62 6.99 -26.07
C TYR B 242 2.03 7.95 -27.10
N THR B 243 2.09 9.25 -26.84
CA THR B 243 1.41 10.23 -27.67
C THR B 243 2.28 11.49 -27.75
N THR B 244 2.10 12.25 -28.82
CA THR B 244 2.72 13.53 -29.05
C THR B 244 1.73 14.40 -29.86
N ARG B 245 2.01 15.71 -29.96
CA ARG B 245 1.10 16.58 -30.65
C ARG B 245 1.93 17.50 -31.55
N LYS B 246 1.37 18.08 -32.61
CA LYS B 246 2.12 18.95 -33.53
C LYS B 246 2.76 20.15 -32.81
N SER B 247 2.01 20.92 -32.01
CA SER B 247 2.50 22.23 -31.62
C SER B 247 3.03 22.28 -30.18
N LYS B 248 4.03 23.13 -29.98
CA LYS B 248 4.76 23.22 -28.72
C LYS B 248 3.78 23.45 -27.56
N ASP B 249 2.66 24.11 -27.84
CA ASP B 249 1.82 24.65 -26.77
C ASP B 249 0.60 23.77 -26.52
N ASP B 250 0.39 22.78 -27.44
CA ASP B 250 -0.69 21.80 -27.31
C ASP B 250 -0.56 21.09 -25.96
N LYS B 251 -1.70 20.80 -25.33
CA LYS B 251 -1.70 20.08 -24.07
C LYS B 251 -1.86 18.58 -24.26
N HIS B 252 -1.40 17.81 -23.28
CA HIS B 252 -1.58 16.37 -23.40
C HIS B 252 -3.07 16.11 -23.28
N SER B 253 -3.48 14.94 -23.80
CA SER B 253 -4.88 14.48 -23.68
C SER B 253 -4.98 13.10 -23.03
N ASP B 254 -5.45 13.07 -21.79
CA ASP B 254 -5.62 11.84 -21.02
C ASP B 254 -6.71 10.96 -21.65
N LYS B 255 -7.78 11.58 -22.11
CA LYS B 255 -8.89 10.89 -22.73
C LYS B 255 -8.47 10.11 -23.96
N THR B 256 -7.55 10.69 -24.75
CA THR B 256 -6.99 10.01 -25.91
C THR B 256 -6.20 8.78 -25.47
N ILE B 257 -5.30 8.92 -24.49
CA ILE B 257 -4.56 7.79 -23.94
C ILE B 257 -5.56 6.70 -23.49
N ALA B 258 -6.56 7.07 -22.67
CA ALA B 258 -7.48 6.09 -22.16
C ALA B 258 -8.17 5.41 -23.35
N GLU B 259 -8.57 6.21 -24.34
CA GLU B 259 -9.23 5.62 -25.50
C GLU B 259 -8.31 4.69 -26.30
N ALA B 260 -7.08 5.10 -26.52
CA ALA B 260 -6.17 4.29 -27.30
C ALA B 260 -5.97 2.95 -26.58
N SER B 261 -6.08 2.98 -25.25
CA SER B 261 -5.93 1.80 -24.40
C SER B 261 -7.15 0.92 -24.58
N ARG B 262 -8.31 1.55 -24.72
CA ARG B 262 -9.51 0.75 -24.85
C ARG B 262 -9.36 -0.06 -26.12
N ILE B 263 -9.07 0.66 -27.19
CA ILE B 263 -9.01 0.06 -28.50
C ILE B 263 -7.99 -1.05 -28.47
N ALA B 264 -6.87 -0.87 -27.77
CA ALA B 264 -5.82 -1.87 -27.74
C ALA B 264 -6.22 -3.10 -26.92
N ILE B 265 -6.78 -2.90 -25.75
CA ILE B 265 -7.26 -4.06 -25.01
C ILE B 265 -8.25 -4.85 -25.86
N GLN B 266 -8.99 -4.12 -26.70
CA GLN B 266 -9.96 -4.81 -27.52
C GLN B 266 -9.27 -5.59 -28.65
N ALA B 267 -8.22 -5.02 -29.26
CA ALA B 267 -7.54 -5.65 -30.39
C ALA B 267 -6.97 -7.04 -30.06
N ILE B 268 -6.53 -7.25 -28.82
CA ILE B 268 -5.90 -8.50 -28.35
C ILE B 268 -6.92 -9.43 -27.65
N ASP B 269 -8.20 -9.06 -27.65
CA ASP B 269 -9.19 -9.81 -26.91
C ASP B 269 -9.47 -11.05 -27.78
CAA DRW C . -3.50 7.59 19.26
CAB DRW C . -7.74 9.22 20.26
NAC DRW C . -16.67 7.83 23.62
OAD DRW C . -6.14 5.67 17.90
OAE DRW C . -10.76 4.65 19.78
OAF DRW C . -17.29 7.02 21.40
OAG DRW C . -17.61 5.59 23.39
OAH DRW C . -9.06 3.56 20.60
OAI DRW C . -4.99 9.30 19.88
CAJ DRW C . -5.59 5.80 19.00
CAK DRW C . -11.47 6.62 22.48
CAL DRW C . -14.41 6.73 21.64
CAM DRW C . -12.69 8.64 21.80
NAN DRW C . -7.58 5.55 20.89
NAO DRW C . -12.60 6.87 23.38
NAP DRW C . -15.37 5.92 22.39
SAQ DRW C . -10.75 7.61 19.99
CAR DRW C . -9.57 4.62 20.27
CAS DRW C . -8.77 5.67 20.42
CAT DRW C . -4.65 7.90 20.14
CAU DRW C . -8.06 7.87 20.90
CAV DRW C . -13.57 7.62 22.56
CAW DRW C . -11.32 7.93 21.69
CAX DRW C . -5.87 7.04 19.80
CAY DRW C . -6.89 6.88 20.95
CAZ DRW C . -9.02 7.10 19.98
SBA DRW C . -16.85 6.54 22.66
C1 PEG D . -27.24 -20.52 10.78
O1 PEG D . -27.79 -20.16 12.06
C2 PEG D . -27.67 -19.54 9.71
O2 PEG D . -26.82 -19.57 8.56
C3 PEG D . -27.52 -19.31 7.34
C4 PEG D . -26.78 -20.00 6.25
O4 PEG D . -25.84 -20.91 6.73
C1 PEG E . 11.23 12.89 24.36
O1 PEG E . 11.05 14.26 24.02
C2 PEG E . 11.24 12.04 23.14
O2 PEG E . 9.98 11.38 23.11
C3 PEG E . 9.50 11.11 21.81
C4 PEG E . 8.40 10.05 21.86
O4 PEG E . 8.88 8.72 22.10
CAA DRW F . 9.25 15.62 -15.53
CAB DRW F . 5.57 16.69 -13.84
NAC DRW F . -1.83 13.92 -9.46
OAD DRW F . 6.51 13.13 -16.37
OAE DRW F . 2.61 12.01 -15.10
OAF DRW F . -2.73 11.74 -10.16
OAG DRW F . -3.78 13.83 -10.98
OAH DRW F . 3.69 11.16 -13.44
OAI DRW F . 8.45 16.21 -13.54
CAJ DRW F . 7.24 13.22 -15.40
CAK DRW F . 2.02 14.52 -12.23
CAL DRW F . -1.44 14.24 -12.79
CAM DRW F . 0.41 15.90 -13.42
NAN DRW F . 5.38 13.00 -13.37
NAO DRW F . 0.75 14.48 -11.51
NAP DRW F . -1.64 13.05 -11.93
SAQ DRW F . 2.80 15.58 -14.64
CAR DRW F . 3.48 12.12 -14.19
CAS DRW F . 4.30 13.15 -14.05
CAT DRW F . 8.59 15.06 -14.30
CAU DRW F . 5.10 15.28 -13.48
CAV DRW F . -0.31 15.16 -12.28
CAW DRW F . 1.89 15.78 -13.08
CAX DRW F . 7.19 14.44 -14.53
CAY DRW F . 6.22 14.25 -13.34
CAZ DRW F . 4.27 14.58 -14.57
SBA DRW F . -2.61 13.08 -10.61
O1 PG4 G . -9.63 -14.56 -27.64
C1 PG4 G . -11.09 -14.63 -27.47
C2 PG4 G . -11.94 -13.65 -28.33
O2 PG4 G . -12.47 -12.55 -27.57
C3 PG4 G . -13.37 -12.93 -26.51
C4 PG4 G . -14.64 -12.10 -26.49
O3 PG4 G . -14.53 -10.99 -27.37
C5 PG4 G . -15.44 -10.94 -28.48
C6 PG4 G . -14.58 -10.73 -29.73
O4 PG4 G . -14.79 -9.47 -30.37
C7 PG4 G . -14.81 -9.61 -31.78
C8 PG4 G . -16.20 -9.98 -32.28
O5 PG4 G . -16.59 -9.25 -33.47
#